data_8I0L
#
_entry.id   8I0L
#
_cell.length_a   172.150
_cell.length_b   172.150
_cell.length_c   97.292
_cell.angle_alpha   90.00
_cell.angle_beta   90.00
_cell.angle_gamma   120.00
#
_symmetry.space_group_name_H-M   'H 3'
#
loop_
_entity.id
_entity.type
_entity.pdbx_description
1 polymer 'Cyclin-dependent kinase 9'
2 polymer Cyclin-T1
3 non-polymer 2-[(4-azanylcyclohexyl)amino]-7-cyclopentyl-~{N},~{N}-dimethyl-pyrrolo[2,3-d]pyrimidine-6-carboxamide
#
loop_
_entity_poly.entity_id
_entity_poly.type
_entity_poly.pdbx_seq_one_letter_code
_entity_poly.pdbx_strand_id
1 'polypeptide(L)'
;MGPAKQYDSVECPFCDEVSKYEKLAKIGQGTFGEVFKARHRKTGQKVALKKVLMENEKEGFPITALREIKILQLLKHENV
VNLIEICRTKASPYNRCKASIYLVFDFCEHDLAGLLSNVLVKFTLSEIKRVMQMLLNGLYYIHRNKILHRDMKAANVLIT
RDGVLKLADFGLARAFSLAKNSQPNRY(TPO)NRVVTLWYRPPELLLGERDYGPPIDLWGAGCIMAEMWTRSPIMQGNTE
QHQLALISQLCGSITPEVWPNVDNYELYEKLELVKGQKRKVKDRLKAYVRDPYALDLIDKLLVLDPAQRIDSDDALNHDF
FWSDPMPSDLKGMLST
;
A
2 'polypeptide(L)'
;PEGERKNNNKRWYFTREQLENSPSRRFGVDPDKELSYRQQAANLLQDMGQRLNVSQLTINTAIVYMHRFYMIQSFTRFPG
NSVAPAALFLAAKVEGQPKKLEHVIKVAHTCLHPQESLPDTRSEAYLQQVQDLVILESIILQTLGFELTIDHPHTHVVKC
TQLVRASKDLAQTSYFMATNSLHLTTFSLQYTPPVVACVCIHLACKWSNWEIPVSTDGKHWWEYVDATVTLELLDELTHE
LLQILEKTPNRLKRIWNWR
;
B
#
loop_
_chem_comp.id
_chem_comp.type
_chem_comp.name
_chem_comp.formula
NJ6 non-polymer 2-[(4-azanylcyclohexyl)amino]-7-cyclopentyl-~{N},~{N}-dimethyl-pyrrolo[2,3-d]pyrimidine-6-carboxamide 'C20 H30 N6 O'
#
# COMPACT_ATOMS: atom_id res chain seq x y z
N ASP A 8 9.31 2.21 -26.34
CA ASP A 8 9.61 2.82 -27.63
C ASP A 8 8.49 3.79 -28.02
N SER A 9 8.58 5.03 -27.53
CA SER A 9 7.58 6.07 -27.75
C SER A 9 6.17 5.52 -27.55
N VAL A 10 5.81 5.25 -26.29
CA VAL A 10 4.54 4.60 -25.97
C VAL A 10 3.53 5.65 -25.54
N GLU A 11 2.26 5.37 -25.82
CA GLU A 11 1.18 6.24 -25.34
C GLU A 11 1.11 6.20 -23.82
N CYS A 12 1.14 7.38 -23.20
CA CYS A 12 1.22 7.48 -21.74
C CYS A 12 0.47 8.72 -21.27
N PRO A 13 -0.87 8.66 -21.21
CA PRO A 13 -1.61 9.83 -20.72
C PRO A 13 -1.46 10.05 -19.22
N PHE A 14 -1.53 8.98 -18.43
CA PHE A 14 -1.58 9.10 -16.98
C PHE A 14 -0.20 9.01 -16.32
N CYS A 15 0.86 9.36 -17.04
CA CYS A 15 2.20 9.37 -16.46
C CYS A 15 3.00 10.44 -17.21
N ASP A 16 2.86 11.69 -16.77
CA ASP A 16 3.56 12.79 -17.39
C ASP A 16 5.06 12.68 -17.16
N GLU A 17 5.83 13.30 -18.05
CA GLU A 17 7.28 13.24 -17.97
C GLU A 17 7.80 14.16 -16.89
N VAL A 18 8.85 13.71 -16.19
CA VAL A 18 9.43 14.47 -15.10
C VAL A 18 10.04 15.78 -15.57
N SER A 19 10.21 15.97 -16.88
CA SER A 19 10.68 17.23 -17.42
C SER A 19 9.67 18.35 -17.25
N LYS A 20 8.43 18.04 -16.88
CA LYS A 20 7.46 19.08 -16.56
C LYS A 20 7.89 19.92 -15.37
N TYR A 21 8.74 19.38 -14.50
CA TYR A 21 9.32 20.12 -13.39
C TYR A 21 10.75 20.52 -13.75
N GLU A 22 11.22 21.59 -13.12
CA GLU A 22 12.58 22.08 -13.31
C GLU A 22 13.35 21.89 -12.02
N LYS A 23 14.39 21.05 -12.05
CA LYS A 23 15.20 20.81 -10.88
C LYS A 23 15.88 22.09 -10.41
N LEU A 24 16.07 22.19 -9.10
CA LEU A 24 16.67 23.38 -8.49
C LEU A 24 17.93 23.06 -7.71
N ALA A 25 17.86 22.12 -6.76
CA ALA A 25 19.02 21.75 -5.97
C ALA A 25 18.78 20.37 -5.36
N LYS A 26 19.88 19.70 -5.04
CA LYS A 26 19.80 18.37 -4.43
C LYS A 26 19.53 18.49 -2.94
N ILE A 27 18.57 17.70 -2.46
CA ILE A 27 18.24 17.61 -1.04
C ILE A 27 18.48 16.21 -0.49
N GLY A 28 19.04 15.31 -1.30
CA GLY A 28 19.31 13.95 -0.87
C GLY A 28 20.62 13.42 -1.41
N GLN A 29 21.51 12.98 -0.52
CA GLN A 29 22.83 12.48 -0.90
C GLN A 29 23.10 11.17 -0.17
N GLY A 30 23.84 10.29 -0.83
CA GLY A 30 24.31 9.07 -0.21
C GLY A 30 23.26 8.01 0.04
N THR A 31 22.99 7.73 1.32
CA THR A 31 22.11 6.63 1.68
C THR A 31 20.66 6.92 1.28
N PHE A 32 20.16 8.11 1.62
CA PHE A 32 18.78 8.49 1.31
C PHE A 32 18.65 8.93 -0.15
N GLY A 33 19.08 8.04 -1.04
CA GLY A 33 18.92 8.19 -2.47
C GLY A 33 19.40 9.51 -3.04
N GLU A 34 18.83 9.92 -4.17
CA GLU A 34 19.09 11.24 -4.75
C GLU A 34 17.74 11.95 -4.88
N VAL A 35 17.55 12.97 -4.06
CA VAL A 35 16.31 13.75 -4.04
C VAL A 35 16.61 15.15 -4.55
N PHE A 36 15.67 15.73 -5.29
CA PHE A 36 15.83 17.04 -5.89
C PHE A 36 14.68 17.94 -5.46
N LYS A 37 14.99 19.19 -5.15
CA LYS A 37 13.97 20.23 -5.10
C LYS A 37 13.67 20.70 -6.52
N ALA A 38 12.40 20.65 -6.91
CA ALA A 38 12.01 21.00 -8.27
C ALA A 38 10.93 22.06 -8.25
N ARG A 39 10.71 22.65 -9.41
CA ARG A 39 9.73 23.72 -9.61
C ARG A 39 8.91 23.43 -10.85
N HIS A 40 7.59 23.46 -10.71
CA HIS A 40 6.73 23.24 -11.87
C HIS A 40 6.94 24.37 -12.88
N ARG A 41 7.16 23.97 -14.14
CA ARG A 41 7.60 24.93 -15.15
C ARG A 41 6.53 25.94 -15.54
N LYS A 42 5.27 25.71 -15.13
CA LYS A 42 4.19 26.65 -15.42
C LYS A 42 3.70 27.35 -14.16
N THR A 43 3.27 26.58 -13.14
CA THR A 43 2.71 27.16 -11.93
C THR A 43 3.76 27.50 -10.88
N GLY A 44 4.99 27.01 -11.03
CA GLY A 44 6.01 27.27 -10.04
C GLY A 44 5.84 26.54 -8.73
N GLN A 45 4.95 25.55 -8.68
CA GLN A 45 4.69 24.82 -7.44
C GLN A 45 5.95 24.05 -7.03
N LYS A 46 6.42 24.33 -5.80
CA LYS A 46 7.63 23.70 -5.30
C LYS A 46 7.36 22.25 -4.92
N VAL A 47 8.16 21.34 -5.48
CA VAL A 47 7.97 19.91 -5.30
C VAL A 47 9.32 19.27 -4.96
N ALA A 48 9.29 17.96 -4.75
CA ALA A 48 10.49 17.17 -4.46
C ALA A 48 10.44 15.88 -5.27
N LEU A 49 11.53 15.55 -5.93
CA LEU A 49 11.60 14.40 -6.83
C LEU A 49 12.59 13.38 -6.31
N LYS A 50 12.19 12.10 -6.31
CA LYS A 50 13.05 11.00 -5.87
C LYS A 50 13.04 9.93 -6.96
N LYS A 51 14.21 9.69 -7.56
CA LYS A 51 14.31 8.66 -8.58
C LYS A 51 14.26 7.28 -7.94
N VAL A 52 13.39 6.42 -8.47
CA VAL A 52 13.32 5.03 -8.00
C VAL A 52 14.62 4.33 -8.40
N LEU A 53 15.45 4.02 -7.41
CA LEU A 53 16.77 3.47 -7.69
C LEU A 53 16.65 2.04 -8.22
N MET A 54 17.34 1.78 -9.33
CA MET A 54 17.34 0.45 -9.95
C MET A 54 18.74 -0.16 -9.85
N GLU A 55 19.20 -0.41 -8.64
CA GLU A 55 20.56 -0.89 -8.41
C GLU A 55 20.73 -2.32 -8.91
N ASN A 56 20.45 -3.30 -8.05
CA ASN A 56 20.53 -4.71 -8.44
C ASN A 56 19.15 -5.31 -8.49
N GLU A 57 18.24 -4.70 -9.25
CA GLU A 57 16.85 -5.15 -9.35
C GLU A 57 16.73 -6.12 -10.52
N LYS A 58 17.03 -7.38 -10.27
CA LYS A 58 16.83 -8.44 -11.26
C LYS A 58 15.38 -8.89 -11.35
N GLU A 59 14.48 -8.22 -10.64
CA GLU A 59 13.07 -8.58 -10.59
C GLU A 59 12.20 -7.43 -11.10
N GLY A 60 12.68 -6.71 -12.10
CA GLY A 60 11.90 -5.64 -12.69
C GLY A 60 11.76 -4.46 -11.76
N PHE A 61 10.56 -3.88 -11.74
CA PHE A 61 10.29 -2.76 -10.86
C PHE A 61 10.40 -3.23 -9.40
N PRO A 62 10.99 -2.43 -8.52
CA PRO A 62 11.20 -2.88 -7.14
C PRO A 62 9.87 -3.12 -6.42
N ILE A 63 9.80 -4.26 -5.72
CA ILE A 63 8.63 -4.56 -4.92
C ILE A 63 8.47 -3.56 -3.78
N THR A 64 9.57 -2.98 -3.30
CA THR A 64 9.48 -2.01 -2.22
C THR A 64 8.97 -0.67 -2.73
N ALA A 65 9.35 -0.29 -3.95
CA ALA A 65 8.80 0.90 -4.57
C ALA A 65 7.30 0.75 -4.81
N LEU A 66 6.87 -0.46 -5.16
CA LEU A 66 5.44 -0.73 -5.25
C LEU A 66 4.76 -0.53 -3.91
N ARG A 67 5.38 -1.05 -2.84
CA ARG A 67 4.80 -0.95 -1.50
C ARG A 67 4.74 0.51 -1.04
N GLU A 68 5.81 1.28 -1.30
CA GLU A 68 5.82 2.68 -0.90
C GLU A 68 4.77 3.47 -1.68
N ILE A 69 4.70 3.27 -2.99
CA ILE A 69 3.73 4.00 -3.81
C ILE A 69 2.32 3.65 -3.37
N LYS A 70 2.04 2.36 -3.13
CA LYS A 70 0.71 1.96 -2.70
C LYS A 70 0.34 2.58 -1.36
N ILE A 71 1.31 2.68 -0.45
CA ILE A 71 1.05 3.26 0.87
C ILE A 71 0.79 4.76 0.74
N LEU A 72 1.65 5.46 0.00
CA LEU A 72 1.52 6.90 -0.14
C LEU A 72 0.27 7.31 -0.90
N GLN A 73 -0.35 6.39 -1.64
CA GLN A 73 -1.60 6.69 -2.30
C GLN A 73 -2.80 6.52 -1.38
N LEU A 74 -2.69 5.65 -0.36
CA LEU A 74 -3.75 5.46 0.60
C LEU A 74 -3.75 6.55 1.67
N LEU A 75 -2.58 7.07 2.01
CA LEU A 75 -2.42 8.00 3.13
C LEU A 75 -2.50 9.44 2.60
N LYS A 76 -3.66 10.06 2.75
CA LYS A 76 -3.88 11.46 2.39
C LYS A 76 -4.32 12.18 3.66
N HIS A 77 -3.39 12.92 4.28
CA HIS A 77 -3.68 13.57 5.55
C HIS A 77 -2.88 14.86 5.65
N GLU A 78 -3.37 15.77 6.50
CA GLU A 78 -2.68 17.04 6.73
C GLU A 78 -1.31 16.86 7.36
N ASN A 79 -1.10 15.75 8.07
CA ASN A 79 0.16 15.50 8.79
C ASN A 79 0.98 14.39 8.15
N VAL A 80 0.70 14.04 6.91
CA VAL A 80 1.46 13.05 6.15
C VAL A 80 1.81 13.66 4.80
N VAL A 81 3.04 13.43 4.34
CA VAL A 81 3.47 13.97 3.06
C VAL A 81 2.54 13.47 1.95
N ASN A 82 2.39 14.29 0.91
CA ASN A 82 1.43 14.05 -0.15
C ASN A 82 2.15 13.63 -1.42
N LEU A 83 1.79 12.45 -1.95
CA LEU A 83 2.28 12.00 -3.24
C LEU A 83 1.46 12.65 -4.33
N ILE A 84 2.06 13.60 -5.06
CA ILE A 84 1.36 14.24 -6.17
C ILE A 84 1.10 13.22 -7.27
N GLU A 85 2.15 12.60 -7.77
CA GLU A 85 2.06 11.69 -8.90
C GLU A 85 3.38 10.93 -9.00
N ILE A 86 3.48 10.08 -10.02
CA ILE A 86 4.71 9.36 -10.35
C ILE A 86 5.01 9.63 -11.82
N CYS A 87 6.19 10.18 -12.08
CA CYS A 87 6.55 10.64 -13.41
C CYS A 87 7.58 9.70 -14.05
N ARG A 88 7.66 9.76 -15.37
CA ARG A 88 8.59 8.98 -16.17
C ARG A 88 9.66 9.89 -16.77
N THR A 89 10.57 9.30 -17.53
CA THR A 89 11.66 10.02 -18.16
C THR A 89 11.57 9.87 -19.68
N LYS A 90 12.44 10.60 -20.37
CA LYS A 90 12.51 10.53 -21.82
C LYS A 90 13.36 9.36 -22.28
N ALA A 99 13.72 3.37 -19.40
CA ALA A 99 12.72 4.00 -18.56
C ALA A 99 13.21 4.14 -17.11
N SER A 100 12.92 5.30 -16.51
CA SER A 100 13.22 5.54 -15.11
C SER A 100 12.03 6.25 -14.48
N ILE A 101 11.87 6.09 -13.16
CA ILE A 101 10.66 6.46 -12.46
C ILE A 101 11.02 7.41 -11.32
N TYR A 102 10.24 8.49 -11.19
CA TYR A 102 10.42 9.49 -10.15
C TYR A 102 9.17 9.58 -9.28
N LEU A 103 9.38 9.85 -7.99
CA LEU A 103 8.30 10.13 -7.06
C LEU A 103 8.19 11.64 -6.87
N VAL A 104 6.98 12.17 -7.00
CA VAL A 104 6.73 13.61 -6.93
C VAL A 104 6.00 13.90 -5.62
N PHE A 105 6.66 14.62 -4.73
CA PHE A 105 6.10 15.02 -3.44
C PHE A 105 5.91 16.53 -3.40
N ASP A 106 4.99 16.98 -2.55
CA ASP A 106 4.94 18.39 -2.18
C ASP A 106 6.15 18.74 -1.32
N PHE A 107 6.71 19.92 -1.55
CA PHE A 107 7.94 20.33 -0.88
C PHE A 107 7.62 20.92 0.48
N CYS A 108 8.13 20.28 1.54
CA CYS A 108 8.16 20.84 2.88
C CYS A 108 9.59 21.34 3.12
N GLU A 109 9.72 22.62 3.45
CA GLU A 109 11.06 23.21 3.46
C GLU A 109 11.89 22.73 4.64
N HIS A 110 11.30 22.67 5.83
CA HIS A 110 12.04 22.38 7.06
C HIS A 110 11.84 20.94 7.50
N ASP A 111 12.86 20.41 8.18
CA ASP A 111 12.78 19.13 8.86
C ASP A 111 13.01 19.35 10.35
N LEU A 112 12.63 18.34 11.15
CA LEU A 112 12.73 18.48 12.60
C LEU A 112 14.18 18.44 13.06
N ALA A 113 14.97 17.51 12.52
CA ALA A 113 16.36 17.38 12.95
C ALA A 113 17.18 18.61 12.58
N GLY A 114 16.92 19.20 11.40
CA GLY A 114 17.64 20.39 11.00
C GLY A 114 17.34 21.59 11.87
N LEU A 115 16.10 21.70 12.36
CA LEU A 115 15.74 22.80 13.26
C LEU A 115 16.28 22.57 14.66
N LEU A 116 16.34 21.31 15.11
CA LEU A 116 16.80 21.02 16.46
C LEU A 116 18.30 21.25 16.60
N SER A 117 19.07 20.86 15.59
CA SER A 117 20.52 21.03 15.61
C SER A 117 20.96 22.42 15.18
N ASN A 118 20.04 23.39 15.13
CA ASN A 118 20.36 24.77 14.80
C ASN A 118 20.11 25.62 16.04
N VAL A 119 21.17 26.20 16.60
CA VAL A 119 21.04 27.00 17.81
C VAL A 119 20.25 28.27 17.57
N LEU A 120 20.18 28.74 16.32
CA LEU A 120 19.42 29.95 16.02
C LEU A 120 17.91 29.73 16.16
N VAL A 121 17.45 28.48 16.09
CA VAL A 121 16.04 28.15 16.19
C VAL A 121 15.69 27.87 17.64
N LYS A 122 14.56 28.41 18.09
CA LYS A 122 14.09 28.22 19.46
C LYS A 122 12.61 27.89 19.44
N PHE A 123 12.23 26.88 20.23
CA PHE A 123 10.84 26.47 20.38
C PHE A 123 10.32 26.89 21.75
N THR A 124 9.15 27.52 21.76
CA THR A 124 8.46 27.76 23.02
C THR A 124 7.71 26.50 23.43
N LEU A 125 7.30 26.45 24.70
CA LEU A 125 6.54 25.31 25.18
C LEU A 125 5.22 25.17 24.43
N SER A 126 4.62 26.30 24.03
CA SER A 126 3.36 26.24 23.29
C SER A 126 3.55 25.65 21.90
N GLU A 127 4.65 26.00 21.23
CA GLU A 127 4.91 25.44 19.90
C GLU A 127 5.29 23.97 19.97
N ILE A 128 5.99 23.55 21.04
CA ILE A 128 6.33 22.14 21.21
C ILE A 128 5.07 21.31 21.36
N LYS A 129 4.04 21.86 22.02
CA LYS A 129 2.76 21.16 22.14
C LYS A 129 2.12 20.97 20.77
N ARG A 130 2.28 21.95 19.88
CA ARG A 130 1.69 21.84 18.54
C ARG A 130 2.43 20.80 17.70
N VAL A 131 3.75 20.72 17.83
CA VAL A 131 4.52 19.78 17.04
C VAL A 131 4.17 18.34 17.42
N MET A 132 4.12 18.06 18.72
CA MET A 132 3.80 16.70 19.16
C MET A 132 2.35 16.33 18.88
N GLN A 133 1.46 17.33 18.82
CA GLN A 133 0.06 17.04 18.51
C GLN A 133 -0.10 16.67 17.04
N MET A 134 0.65 17.33 16.15
CA MET A 134 0.59 17.00 14.74
C MET A 134 1.28 15.68 14.43
N LEU A 135 2.29 15.32 15.23
CA LEU A 135 2.96 14.04 15.03
C LEU A 135 2.10 12.89 15.55
N LEU A 136 1.42 13.10 16.69
CA LEU A 136 0.55 12.06 17.22
C LEU A 136 -0.72 11.91 16.40
N ASN A 137 -1.23 13.02 15.85
CA ASN A 137 -2.37 12.93 14.93
C ASN A 137 -1.98 12.21 13.65
N GLY A 138 -0.76 12.45 13.16
CA GLY A 138 -0.29 11.73 11.98
C GLY A 138 -0.10 10.25 12.24
N LEU A 139 0.47 9.91 13.40
CA LEU A 139 0.62 8.49 13.75
C LEU A 139 -0.74 7.83 13.95
N TYR A 140 -1.70 8.56 14.51
CA TYR A 140 -3.04 8.00 14.69
C TYR A 140 -3.69 7.70 13.35
N TYR A 141 -3.53 8.59 12.38
CA TYR A 141 -4.14 8.39 11.07
C TYR A 141 -3.55 7.17 10.35
N ILE A 142 -2.22 7.03 10.40
CA ILE A 142 -1.58 5.93 9.68
C ILE A 142 -1.80 4.60 10.40
N HIS A 143 -1.97 4.63 11.73
CA HIS A 143 -2.26 3.39 12.45
C HIS A 143 -3.69 2.92 12.17
N ARG A 144 -4.64 3.85 12.14
CA ARG A 144 -6.02 3.50 11.81
C ARG A 144 -6.15 3.03 10.37
N ASN A 145 -5.19 3.38 9.51
CA ASN A 145 -5.16 2.90 8.13
C ASN A 145 -4.32 1.64 7.97
N LYS A 146 -4.02 0.94 9.07
CA LYS A 146 -3.31 -0.34 9.05
C LYS A 146 -1.91 -0.21 8.47
N ILE A 147 -1.23 0.89 8.79
CA ILE A 147 0.09 1.19 8.24
C ILE A 147 1.07 1.43 9.39
N LEU A 148 2.16 0.67 9.40
CA LEU A 148 3.28 0.92 10.29
C LEU A 148 4.32 1.77 9.57
N HIS A 149 4.92 2.72 10.29
CA HIS A 149 5.93 3.57 9.69
C HIS A 149 7.30 2.89 9.70
N ARG A 150 7.69 2.34 10.85
CA ARG A 150 8.90 1.53 11.00
C ARG A 150 10.17 2.30 10.66
N ASP A 151 10.13 3.64 10.74
CA ASP A 151 11.33 4.44 10.54
C ASP A 151 11.15 5.80 11.21
N MET A 152 10.61 5.79 12.43
CA MET A 152 10.32 7.02 13.15
C MET A 152 11.62 7.64 13.66
N LYS A 153 11.98 8.80 13.12
CA LYS A 153 13.15 9.54 13.58
C LYS A 153 12.95 11.01 13.25
N ALA A 154 13.80 11.85 13.85
CA ALA A 154 13.64 13.29 13.69
C ALA A 154 13.87 13.73 12.25
N ALA A 155 14.78 13.07 11.53
CA ALA A 155 15.06 13.46 10.16
C ALA A 155 13.92 13.13 9.21
N ASN A 156 13.01 12.24 9.61
CA ASN A 156 11.87 11.87 8.79
C ASN A 156 10.64 12.73 9.06
N VAL A 157 10.74 13.68 9.99
CA VAL A 157 9.64 14.57 10.34
C VAL A 157 9.93 15.93 9.75
N LEU A 158 9.06 16.39 8.85
CA LEU A 158 9.24 17.66 8.17
C LEU A 158 8.12 18.63 8.54
N ILE A 159 8.41 19.91 8.42
CA ILE A 159 7.46 20.98 8.70
C ILE A 159 7.48 21.95 7.52
N THR A 160 6.31 22.22 6.95
CA THR A 160 6.20 23.15 5.83
C THR A 160 6.47 24.58 6.30
N ARG A 161 6.63 25.48 5.32
CA ARG A 161 6.78 26.89 5.61
C ARG A 161 5.51 27.50 6.20
N ASP A 162 4.39 26.79 6.14
CA ASP A 162 3.15 27.21 6.79
C ASP A 162 3.06 26.76 8.24
N GLY A 163 4.02 25.97 8.71
CA GLY A 163 3.98 25.43 10.06
C GLY A 163 3.27 24.10 10.18
N VAL A 164 3.00 23.41 9.07
CA VAL A 164 2.28 22.15 9.09
C VAL A 164 3.31 21.01 9.13
N LEU A 165 3.20 20.16 10.15
CA LEU A 165 4.10 19.03 10.30
C LEU A 165 3.66 17.88 9.41
N LYS A 166 4.63 17.27 8.72
CA LYS A 166 4.36 16.18 7.79
C LYS A 166 5.24 14.99 8.12
N LEU A 167 4.63 13.81 8.19
CA LEU A 167 5.38 12.57 8.31
C LEU A 167 5.85 12.14 6.92
N ALA A 168 7.14 11.85 6.80
CA ALA A 168 7.75 11.54 5.50
C ALA A 168 8.56 10.26 5.60
N ASP A 169 9.16 9.88 4.47
CA ASP A 169 10.01 8.69 4.35
C ASP A 169 9.26 7.43 4.78
N PHE A 170 8.30 7.06 3.94
CA PHE A 170 7.52 5.84 4.13
C PHE A 170 8.10 4.66 3.36
N GLY A 171 9.41 4.66 3.11
CA GLY A 171 10.01 3.55 2.38
C GLY A 171 10.01 2.26 3.16
N LEU A 172 10.47 2.32 4.41
CA LEU A 172 10.48 1.16 5.30
C LEU A 172 9.10 0.88 5.91
N ALA A 173 8.05 1.52 5.41
CA ALA A 173 6.72 1.34 5.95
C ALA A 173 6.05 0.10 5.37
N ARG A 174 5.29 -0.60 6.21
CA ARG A 174 4.56 -1.79 5.79
C ARG A 174 3.18 -1.78 6.42
N ALA A 175 2.28 -2.58 5.85
CA ALA A 175 0.95 -2.75 6.40
C ALA A 175 0.95 -3.86 7.44
N PHE A 176 -0.02 -3.81 8.35
CA PHE A 176 -0.13 -4.80 9.41
C PHE A 176 -1.59 -5.20 9.57
N SER A 177 -1.80 -6.45 9.98
CA SER A 177 -3.12 -7.02 10.17
C SER A 177 -3.19 -7.66 11.56
N LEU A 178 -4.38 -8.14 11.91
CA LEU A 178 -4.60 -8.77 13.20
C LEU A 178 -5.32 -10.12 13.05
N PRO A 184 -0.48 -15.41 14.26
CA PRO A 184 0.93 -15.10 14.56
C PRO A 184 1.65 -14.46 13.37
N ASN A 185 1.81 -13.15 13.41
CA ASN A 185 2.45 -12.43 12.31
C ASN A 185 3.95 -12.64 12.32
N ARG A 186 4.56 -12.52 11.14
CA ARG A 186 6.00 -12.68 10.95
C ARG A 186 6.49 -11.46 10.16
N TYR A 187 6.86 -10.42 10.87
CA TYR A 187 7.28 -9.18 10.23
C TYR A 187 8.80 -9.04 10.25
N TPO A 188 9.30 -7.95 9.68
CA TPO A 188 10.73 -7.72 9.56
CB TPO A 188 11.02 -6.92 8.29
CG2 TPO A 188 12.49 -6.49 8.28
OG1 TPO A 188 10.71 -7.72 7.16
P TPO A 188 9.54 -6.99 6.32
O1P TPO A 188 9.09 -7.91 5.09
O2P TPO A 188 10.05 -5.68 5.82
O3P TPO A 188 8.28 -6.73 7.29
C TPO A 188 11.30 -7.02 10.79
O TPO A 188 10.78 -5.98 11.21
N ASN A 189 12.36 -7.57 11.34
CA ASN A 189 12.91 -7.11 12.62
C ASN A 189 14.00 -6.05 12.47
N ARG A 190 14.62 -5.97 11.29
CA ARG A 190 15.71 -5.03 11.06
C ARG A 190 15.19 -3.67 10.59
N VAL A 191 14.18 -3.15 11.28
CA VAL A 191 13.59 -1.87 10.94
C VAL A 191 13.87 -0.87 12.06
N VAL A 192 13.68 0.40 11.74
CA VAL A 192 13.86 1.55 12.63
C VAL A 192 15.34 1.72 12.96
N THR A 193 15.80 2.97 12.99
CA THR A 193 17.18 3.25 13.35
C THR A 193 17.46 2.79 14.78
N LEU A 194 18.75 2.54 15.07
CA LEU A 194 19.14 2.02 16.37
C LEU A 194 18.73 2.96 17.50
N TRP A 195 18.92 4.27 17.31
CA TRP A 195 18.67 5.23 18.38
C TRP A 195 17.18 5.39 18.68
N TYR A 196 16.30 5.05 17.74
CA TYR A 196 14.86 5.16 17.93
C TYR A 196 14.17 3.81 17.98
N ARG A 197 14.92 2.72 18.14
CA ARG A 197 14.35 1.38 18.04
C ARG A 197 13.73 0.98 19.37
N PRO A 198 12.53 0.41 19.37
CA PRO A 198 11.88 0.01 20.62
C PRO A 198 12.51 -1.25 21.18
N PRO A 199 12.27 -1.57 22.45
CA PRO A 199 12.88 -2.77 23.04
C PRO A 199 12.37 -4.06 22.44
N GLU A 200 11.15 -4.09 21.90
CA GLU A 200 10.62 -5.30 21.29
C GLU A 200 11.48 -5.74 20.11
N LEU A 201 11.85 -4.79 19.25
CA LEU A 201 12.64 -5.12 18.07
C LEU A 201 14.05 -5.55 18.45
N LEU A 202 14.64 -4.88 19.45
CA LEU A 202 15.98 -5.25 19.90
C LEU A 202 15.99 -6.65 20.51
N LEU A 203 14.90 -7.05 21.15
CA LEU A 203 14.79 -8.41 21.68
C LEU A 203 14.40 -9.42 20.63
N GLY A 204 14.08 -8.98 19.41
CA GLY A 204 13.81 -9.90 18.31
C GLY A 204 12.36 -10.26 18.13
N GLU A 205 11.46 -9.30 18.34
CA GLU A 205 10.03 -9.57 18.18
C GLU A 205 9.63 -9.43 16.72
N ARG A 206 9.06 -10.48 16.16
CA ARG A 206 8.56 -10.47 14.79
C ARG A 206 7.05 -10.30 14.73
N ASP A 207 6.38 -10.20 15.88
CA ASP A 207 4.94 -9.93 15.96
C ASP A 207 4.76 -8.62 16.74
N TYR A 208 4.93 -7.51 16.04
CA TYR A 208 4.83 -6.18 16.61
C TYR A 208 3.80 -5.37 15.84
N GLY A 209 3.47 -4.20 16.36
CA GLY A 209 2.43 -3.37 15.77
C GLY A 209 2.65 -1.89 15.94
N PRO A 210 1.57 -1.14 16.12
CA PRO A 210 1.63 0.32 16.17
C PRO A 210 2.58 0.86 17.22
N PRO A 211 2.61 0.30 18.45
CA PRO A 211 3.45 0.91 19.50
C PRO A 211 4.94 0.99 19.18
N ILE A 212 5.41 0.39 18.09
CA ILE A 212 6.83 0.53 17.76
C ILE A 212 7.11 1.93 17.22
N ASP A 213 6.14 2.55 16.56
CA ASP A 213 6.30 3.93 16.11
C ASP A 213 6.08 4.92 17.25
N LEU A 214 5.23 4.55 18.21
CA LEU A 214 4.97 5.42 19.35
C LEU A 214 6.18 5.49 20.29
N TRP A 215 6.99 4.43 20.31
CA TRP A 215 8.26 4.48 21.04
C TRP A 215 9.18 5.53 20.42
N GLY A 216 9.30 5.54 19.10
CA GLY A 216 10.09 6.56 18.43
C GLY A 216 9.50 7.94 18.59
N ALA A 217 8.18 8.04 18.79
CA ALA A 217 7.56 9.33 19.04
C ALA A 217 8.01 9.91 20.38
N GLY A 218 8.19 9.05 21.38
CA GLY A 218 8.69 9.54 22.66
C GLY A 218 10.13 9.98 22.57
N CYS A 219 10.96 9.27 21.80
CA CYS A 219 12.33 9.69 21.58
C CYS A 219 12.41 11.02 20.83
N ILE A 220 11.36 11.36 20.07
CA ILE A 220 11.32 12.65 19.40
C ILE A 220 10.84 13.74 20.36
N MET A 221 9.86 13.42 21.20
CA MET A 221 9.33 14.41 22.14
C MET A 221 10.43 14.87 23.10
N ALA A 222 11.18 13.94 23.67
CA ALA A 222 12.30 14.31 24.52
C ALA A 222 13.38 15.05 23.75
N GLU A 223 13.57 14.69 22.47
CA GLU A 223 14.56 15.37 21.64
C GLU A 223 14.21 16.83 21.40
N MET A 224 12.96 17.22 21.60
CA MET A 224 12.56 18.61 21.41
C MET A 224 13.25 19.52 22.42
N TRP A 225 13.44 19.05 23.64
CA TRP A 225 14.08 19.85 24.68
C TRP A 225 15.58 19.60 24.77
N THR A 226 16.04 18.42 24.38
CA THR A 226 17.45 18.08 24.49
C THR A 226 18.26 18.43 23.25
N ARG A 227 17.60 18.71 22.12
CA ARG A 227 18.25 19.08 20.87
C ARG A 227 19.22 18.02 20.37
N SER A 228 19.10 16.79 20.89
CA SER A 228 19.98 15.70 20.51
C SER A 228 19.32 14.40 20.96
N PRO A 229 19.44 13.32 20.18
CA PRO A 229 18.83 12.05 20.60
C PRO A 229 19.34 11.60 21.96
N ILE A 230 18.48 10.88 22.68
CA ILE A 230 18.75 10.55 24.07
C ILE A 230 19.46 9.21 24.26
N MET A 231 19.31 8.28 23.32
CA MET A 231 19.91 6.94 23.42
C MET A 231 20.69 6.67 22.15
N GLN A 232 21.89 7.25 22.07
CA GLN A 232 22.75 7.14 20.89
C GLN A 232 23.63 5.91 21.02
N GLY A 233 23.03 4.75 20.76
CA GLY A 233 23.77 3.51 20.83
C GLY A 233 24.67 3.29 19.63
N ASN A 234 25.64 2.40 19.80
CA ASN A 234 26.58 2.05 18.74
C ASN A 234 26.37 0.63 18.22
N THR A 235 26.06 -0.32 19.09
CA THR A 235 25.70 -1.68 18.72
C THR A 235 24.31 -1.99 19.27
N GLU A 236 23.81 -3.19 18.94
CA GLU A 236 22.51 -3.60 19.45
C GLU A 236 22.56 -3.86 20.95
N GLN A 237 23.69 -4.36 21.46
CA GLN A 237 23.83 -4.54 22.90
C GLN A 237 23.96 -3.20 23.60
N HIS A 238 24.69 -2.26 23.00
CA HIS A 238 24.86 -0.94 23.60
C HIS A 238 23.54 -0.16 23.63
N GLN A 239 22.67 -0.39 22.65
CA GLN A 239 21.36 0.26 22.66
C GLN A 239 20.45 -0.35 23.73
N LEU A 240 20.43 -1.68 23.83
CA LEU A 240 19.63 -2.32 24.86
C LEU A 240 20.13 -1.98 26.26
N ALA A 241 21.45 -1.78 26.41
CA ALA A 241 21.98 -1.32 27.68
C ALA A 241 21.58 0.13 27.94
N LEU A 242 21.60 0.97 26.90
CA LEU A 242 21.21 2.36 27.05
C LEU A 242 19.74 2.49 27.42
N ILE A 243 18.89 1.61 26.87
CA ILE A 243 17.47 1.64 27.20
C ILE A 243 17.26 1.30 28.67
N SER A 244 17.94 0.25 29.15
CA SER A 244 17.78 -0.15 30.54
C SER A 244 18.36 0.88 31.50
N GLN A 245 19.42 1.59 31.10
CA GLN A 245 20.00 2.63 31.93
C GLN A 245 19.11 3.85 32.07
N LEU A 246 18.08 3.98 31.23
CA LEU A 246 17.15 5.10 31.29
C LEU A 246 15.73 4.68 31.66
N CYS A 247 15.25 3.55 31.13
CA CYS A 247 13.89 3.09 31.37
C CYS A 247 13.83 1.89 32.32
N GLY A 248 14.89 1.64 33.06
CA GLY A 248 14.93 0.51 33.97
C GLY A 248 15.25 -0.79 33.27
N SER A 249 15.74 -1.74 34.08
CA SER A 249 16.13 -3.04 33.55
C SER A 249 14.92 -3.81 33.02
N ILE A 250 15.18 -4.70 32.07
CA ILE A 250 14.13 -5.52 31.46
C ILE A 250 13.70 -6.60 32.44
N THR A 251 12.65 -6.33 33.20
CA THR A 251 12.17 -7.23 34.25
C THR A 251 10.84 -7.83 33.86
N PRO A 252 10.63 -9.13 34.11
CA PRO A 252 9.29 -9.71 33.89
C PRO A 252 8.21 -9.12 34.78
N GLU A 253 8.58 -8.41 35.84
CA GLU A 253 7.59 -7.67 36.62
C GLU A 253 7.24 -6.36 35.96
N VAL A 254 8.15 -5.79 35.18
CA VAL A 254 7.88 -4.57 34.42
C VAL A 254 7.34 -4.90 33.04
N TRP A 255 7.87 -5.96 32.42
CA TRP A 255 7.44 -6.44 31.11
C TRP A 255 6.86 -7.84 31.32
N PRO A 256 5.58 -7.94 31.65
CA PRO A 256 4.98 -9.27 31.89
C PRO A 256 5.15 -10.18 30.70
N ASN A 257 5.74 -11.35 30.94
CA ASN A 257 6.03 -12.34 29.92
C ASN A 257 7.00 -11.78 28.87
N VAL A 258 8.15 -11.31 29.35
CA VAL A 258 9.28 -10.97 28.49
C VAL A 258 10.16 -12.22 28.43
N ASP A 259 9.64 -13.32 28.96
CA ASP A 259 10.44 -14.54 29.11
C ASP A 259 10.59 -15.29 27.80
N ASN A 260 9.56 -15.28 26.96
CA ASN A 260 9.54 -16.10 25.75
C ASN A 260 10.55 -15.66 24.70
N TYR A 261 11.25 -14.55 24.92
CA TYR A 261 12.16 -14.05 23.90
C TYR A 261 13.41 -14.93 23.80
N GLU A 262 13.86 -15.16 22.56
CA GLU A 262 15.08 -15.91 22.32
C GLU A 262 16.28 -15.23 22.97
N LEU A 263 16.43 -13.92 22.73
CA LEU A 263 17.56 -13.17 23.24
C LEU A 263 17.39 -12.72 24.68
N TYR A 264 16.31 -13.14 25.35
CA TYR A 264 16.14 -12.74 26.75
C TYR A 264 17.11 -13.47 27.66
N GLU A 265 17.45 -14.72 27.34
CA GLU A 265 18.46 -15.42 28.11
C GLU A 265 19.87 -15.07 27.65
N LYS A 266 20.01 -14.56 26.42
CA LYS A 266 21.30 -14.23 25.84
C LYS A 266 21.56 -12.73 25.79
N LEU A 267 20.85 -11.94 26.60
CA LEU A 267 20.93 -10.48 26.47
C LEU A 267 22.30 -9.96 26.90
N GLU A 268 22.80 -10.42 28.05
CA GLU A 268 23.98 -9.85 28.70
C GLU A 268 23.77 -8.34 28.83
N LEU A 269 23.09 -7.92 29.89
CA LEU A 269 22.73 -6.52 30.10
C LEU A 269 22.72 -6.24 31.59
N VAL A 270 22.51 -4.96 31.92
CA VAL A 270 22.38 -4.55 33.31
C VAL A 270 21.07 -5.09 33.88
N LYS A 271 21.06 -5.32 35.20
CA LYS A 271 19.93 -5.97 35.85
C LYS A 271 19.37 -5.22 37.05
N GLY A 272 20.08 -4.22 37.57
CA GLY A 272 19.61 -3.52 38.76
C GLY A 272 19.25 -2.07 38.50
N GLN A 273 18.92 -1.74 37.26
CA GLN A 273 18.58 -0.37 36.91
C GLN A 273 17.13 -0.05 37.24
N LYS A 274 16.90 1.20 37.63
CA LYS A 274 15.57 1.71 37.93
C LYS A 274 15.28 2.91 37.04
N ARG A 275 14.01 3.09 36.69
CA ARG A 275 13.60 4.06 35.67
C ARG A 275 14.15 5.46 35.94
N LYS A 276 15.17 5.85 35.17
CA LYS A 276 15.67 7.22 35.16
C LYS A 276 14.94 8.09 34.15
N VAL A 277 13.71 7.73 33.78
CA VAL A 277 13.00 8.43 32.72
C VAL A 277 12.73 9.88 33.13
N LYS A 278 12.11 10.07 34.30
CA LYS A 278 11.77 11.41 34.75
C LYS A 278 12.96 12.12 35.39
N ASP A 279 13.94 11.38 35.91
CA ASP A 279 15.05 12.01 36.60
C ASP A 279 16.08 12.57 35.63
N ARG A 280 16.48 11.78 34.64
CA ARG A 280 17.54 12.21 33.73
C ARG A 280 17.07 13.28 32.77
N LEU A 281 15.80 13.25 32.37
CA LEU A 281 15.21 14.25 31.49
C LEU A 281 14.64 15.44 32.25
N LYS A 282 14.86 15.50 33.56
CA LYS A 282 14.26 16.55 34.38
C LYS A 282 14.85 17.92 34.09
N ALA A 283 16.14 17.97 33.72
CA ALA A 283 16.81 19.26 33.58
C ALA A 283 16.31 20.01 32.33
N TYR A 284 16.12 19.29 31.22
CA TYR A 284 15.76 19.96 29.98
C TYR A 284 14.26 20.24 29.89
N VAL A 285 13.44 19.34 30.42
CA VAL A 285 11.99 19.49 30.35
C VAL A 285 11.51 20.18 31.62
N ARG A 286 10.86 21.33 31.47
CA ARG A 286 10.35 22.10 32.60
C ARG A 286 8.92 21.72 32.96
N ASP A 287 8.11 21.35 31.98
CA ASP A 287 6.68 21.11 32.19
C ASP A 287 6.47 19.77 32.89
N PRO A 288 5.56 19.72 33.87
CA PRO A 288 5.26 18.42 34.51
C PRO A 288 4.48 17.49 33.59
N TYR A 289 3.53 18.02 32.82
CA TYR A 289 2.74 17.17 31.93
C TYR A 289 3.59 16.60 30.80
N ALA A 290 4.57 17.37 30.33
CA ALA A 290 5.44 16.88 29.25
C ALA A 290 6.27 15.70 29.71
N LEU A 291 6.85 15.78 30.90
CA LEU A 291 7.60 14.65 31.44
C LEU A 291 6.71 13.45 31.68
N ASP A 292 5.45 13.69 32.07
CA ASP A 292 4.54 12.58 32.31
C ASP A 292 4.14 11.87 31.03
N LEU A 293 4.03 12.61 29.93
CA LEU A 293 3.71 11.98 28.65
C LEU A 293 4.91 11.24 28.07
N ILE A 294 6.11 11.79 28.24
CA ILE A 294 7.32 11.13 27.77
C ILE A 294 7.52 9.81 28.52
N ASP A 295 7.21 9.80 29.82
CA ASP A 295 7.32 8.57 30.60
C ASP A 295 6.40 7.49 30.05
N LYS A 296 5.18 7.85 29.68
CA LYS A 296 4.23 6.88 29.14
C LYS A 296 4.52 6.53 27.68
N LEU A 297 5.27 7.37 26.97
CA LEU A 297 5.67 7.04 25.60
C LEU A 297 6.85 6.09 25.58
N LEU A 298 7.81 6.26 26.48
CA LEU A 298 8.98 5.40 26.55
C LEU A 298 8.80 4.26 27.55
N VAL A 299 7.69 3.54 27.41
CA VAL A 299 7.37 2.42 28.28
C VAL A 299 7.98 1.15 27.71
N LEU A 300 8.59 0.34 28.58
CA LEU A 300 9.27 -0.86 28.12
C LEU A 300 8.29 -1.87 27.51
N ASP A 301 7.10 -1.97 28.09
CA ASP A 301 6.12 -2.95 27.62
C ASP A 301 5.30 -2.36 26.48
N PRO A 302 5.23 -3.02 25.32
CA PRO A 302 4.38 -2.49 24.24
C PRO A 302 2.90 -2.50 24.59
N ALA A 303 2.43 -3.54 25.28
CA ALA A 303 1.02 -3.60 25.65
C ALA A 303 0.65 -2.56 26.70
N GLN A 304 1.63 -1.95 27.35
CA GLN A 304 1.39 -0.90 28.33
C GLN A 304 1.93 0.45 27.88
N ARG A 305 2.46 0.54 26.67
CA ARG A 305 2.90 1.82 26.11
C ARG A 305 1.69 2.61 25.63
N ILE A 306 1.68 3.91 25.94
CA ILE A 306 0.56 4.76 25.54
C ILE A 306 0.47 4.80 24.03
N ASP A 307 -0.76 4.84 23.52
CA ASP A 307 -1.00 4.79 22.09
C ASP A 307 -1.32 6.20 21.56
N SER A 308 -1.60 6.26 20.25
CA SER A 308 -1.81 7.55 19.60
C SER A 308 -3.09 8.23 20.07
N ASP A 309 -4.12 7.46 20.41
CA ASP A 309 -5.39 8.04 20.81
C ASP A 309 -5.32 8.60 22.23
N ASP A 310 -4.79 7.80 23.18
CA ASP A 310 -4.72 8.25 24.56
C ASP A 310 -3.77 9.42 24.73
N ALA A 311 -2.65 9.41 23.98
CA ALA A 311 -1.66 10.47 24.13
C ALA A 311 -2.18 11.82 23.64
N LEU A 312 -3.07 11.82 22.65
CA LEU A 312 -3.69 13.06 22.20
C LEU A 312 -4.73 13.56 23.20
N ASN A 313 -5.26 12.68 24.04
CA ASN A 313 -6.16 13.06 25.12
C ASN A 313 -5.41 13.34 26.42
N HIS A 314 -4.10 13.12 26.45
CA HIS A 314 -3.32 13.39 27.65
C HIS A 314 -3.40 14.87 28.01
N ASP A 315 -3.37 15.14 29.32
CA ASP A 315 -3.51 16.50 29.83
C ASP A 315 -2.37 17.42 29.42
N PHE A 316 -1.34 16.92 28.74
CA PHE A 316 -0.28 17.77 28.24
C PHE A 316 -0.78 18.71 27.16
N PHE A 317 -1.68 18.23 26.30
CA PHE A 317 -2.26 19.02 25.23
C PHE A 317 -3.52 19.77 25.66
N TRP A 318 -3.81 19.82 26.95
CA TRP A 318 -5.04 20.46 27.42
C TRP A 318 -4.81 21.33 28.65
N SER A 319 -3.57 21.75 28.92
CA SER A 319 -3.26 22.65 30.01
C SER A 319 -2.42 23.81 29.48
N ASP A 320 -2.41 24.89 30.24
CA ASP A 320 -1.67 26.08 29.82
C ASP A 320 -0.16 25.82 29.91
N PRO A 321 0.61 26.27 28.91
CA PRO A 321 0.11 26.95 27.71
C PRO A 321 -0.44 26.01 26.66
N MET A 322 -1.52 26.41 25.99
CA MET A 322 -2.14 25.59 24.97
C MET A 322 -1.28 25.60 23.70
N PRO A 323 -1.47 24.63 22.81
CA PRO A 323 -0.69 24.61 21.56
C PRO A 323 -0.98 25.83 20.70
N SER A 324 0.06 26.36 20.08
CA SER A 324 -0.02 27.53 19.22
C SER A 324 0.61 27.24 17.87
N ASP A 325 0.21 28.02 16.87
CA ASP A 325 0.75 27.84 15.53
C ASP A 325 2.25 28.15 15.51
N LEU A 326 2.93 27.60 14.50
CA LEU A 326 4.38 27.67 14.41
C LEU A 326 4.84 28.90 13.64
N LYS A 327 5.84 29.57 14.19
CA LYS A 327 6.43 30.75 13.55
C LYS A 327 7.95 30.83 13.65
N GLY A 328 8.56 30.27 14.69
CA GLY A 328 10.02 30.33 14.82
C GLY A 328 10.66 28.95 14.82
N ASN B 8 -9.68 11.33 -11.06
CA ASN B 8 -11.11 11.17 -10.87
C ASN B 8 -11.49 9.74 -10.53
N ASN B 9 -12.61 9.56 -9.84
CA ASN B 9 -13.21 8.24 -9.70
C ASN B 9 -13.86 7.76 -11.00
N LYS B 10 -13.93 8.62 -12.01
CA LYS B 10 -14.47 8.28 -13.31
C LYS B 10 -13.36 8.00 -14.33
N ARG B 11 -12.11 7.89 -13.88
CA ARG B 11 -11.00 7.63 -14.78
C ARG B 11 -11.11 6.23 -15.38
N TRP B 12 -11.06 5.20 -14.54
CA TRP B 12 -11.04 3.82 -15.00
C TRP B 12 -12.43 3.21 -15.13
N TYR B 13 -13.44 4.03 -15.40
CA TYR B 13 -14.79 3.57 -15.68
C TYR B 13 -15.29 4.25 -16.93
N PHE B 14 -15.91 3.46 -17.82
CA PHE B 14 -16.21 3.91 -19.17
C PHE B 14 -17.67 3.68 -19.50
N THR B 15 -18.13 4.33 -20.56
CA THR B 15 -19.49 4.17 -21.06
C THR B 15 -19.52 3.15 -22.18
N ARG B 16 -20.73 2.84 -22.64
CA ARG B 16 -20.88 1.89 -23.75
C ARG B 16 -20.37 2.48 -25.06
N GLU B 17 -20.42 3.81 -25.20
CA GLU B 17 -19.85 4.46 -26.37
C GLU B 17 -18.33 4.57 -26.25
N GLN B 18 -17.81 4.76 -25.02
CA GLN B 18 -16.38 4.80 -24.82
C GLN B 18 -15.74 3.46 -25.19
N LEU B 19 -16.30 2.36 -24.69
CA LEU B 19 -15.76 1.04 -25.00
C LEU B 19 -15.86 0.72 -26.48
N GLU B 20 -16.86 1.26 -27.17
CA GLU B 20 -16.97 1.05 -28.61
C GLU B 20 -15.80 1.68 -29.34
N ASN B 21 -15.41 2.89 -28.94
CA ASN B 21 -14.27 3.59 -29.55
C ASN B 21 -12.98 3.26 -28.82
N SER B 22 -12.76 1.98 -28.54
CA SER B 22 -11.55 1.55 -27.86
C SER B 22 -10.33 1.76 -28.76
N PRO B 23 -9.14 1.84 -28.18
CA PRO B 23 -7.92 1.95 -29.01
C PRO B 23 -7.76 0.81 -29.99
N SER B 24 -8.23 -0.39 -29.64
CA SER B 24 -8.16 -1.51 -30.58
C SER B 24 -9.11 -1.29 -31.76
N ARG B 25 -10.24 -0.62 -31.52
CA ARG B 25 -11.16 -0.31 -32.61
C ARG B 25 -10.51 0.61 -33.65
N ARG B 26 -9.59 1.47 -33.20
CA ARG B 26 -8.96 2.45 -34.07
C ARG B 26 -7.85 1.85 -34.93
N PHE B 27 -7.49 0.59 -34.71
CA PHE B 27 -6.51 -0.09 -35.54
C PHE B 27 -7.10 -1.21 -36.38
N GLY B 28 -8.41 -1.44 -36.30
CA GLY B 28 -9.09 -2.42 -37.13
C GLY B 28 -9.73 -3.57 -36.39
N VAL B 29 -9.52 -3.69 -35.07
CA VAL B 29 -10.11 -4.80 -34.33
C VAL B 29 -11.61 -4.59 -34.19
N ASP B 30 -12.38 -5.63 -34.55
CA ASP B 30 -13.82 -5.56 -34.44
C ASP B 30 -14.26 -5.55 -32.98
N PRO B 31 -15.47 -5.08 -32.68
CA PRO B 31 -15.96 -5.13 -31.29
C PRO B 31 -16.01 -6.53 -30.73
N ASP B 32 -16.40 -7.52 -31.54
CA ASP B 32 -16.41 -8.91 -31.07
C ASP B 32 -15.02 -9.51 -31.04
N LYS B 33 -14.14 -9.08 -31.96
CA LYS B 33 -12.77 -9.58 -31.97
C LYS B 33 -12.00 -9.13 -30.73
N GLU B 34 -12.34 -7.97 -30.18
CA GLU B 34 -11.63 -7.48 -29.00
C GLU B 34 -12.07 -8.19 -27.73
N LEU B 35 -13.37 -8.49 -27.61
CA LEU B 35 -13.84 -9.25 -26.46
C LEU B 35 -13.21 -10.65 -26.45
N SER B 36 -13.00 -11.23 -27.63
CA SER B 36 -12.31 -12.51 -27.71
C SER B 36 -10.86 -12.39 -27.28
N TYR B 37 -10.24 -11.24 -27.54
CA TYR B 37 -8.86 -11.03 -27.13
C TYR B 37 -8.76 -10.88 -25.62
N ARG B 38 -9.71 -10.18 -25.00
CA ARG B 38 -9.72 -10.04 -23.55
C ARG B 38 -9.98 -11.39 -22.88
N GLN B 39 -10.90 -12.18 -23.44
CA GLN B 39 -11.20 -13.49 -22.86
C GLN B 39 -10.01 -14.43 -22.97
N GLN B 40 -9.25 -14.32 -24.07
CA GLN B 40 -8.06 -15.15 -24.23
C GLN B 40 -7.00 -14.79 -23.19
N ALA B 41 -6.82 -13.49 -22.92
CA ALA B 41 -5.80 -13.07 -21.98
C ALA B 41 -6.14 -13.51 -20.55
N ALA B 42 -7.41 -13.40 -20.17
CA ALA B 42 -7.82 -13.83 -18.83
C ALA B 42 -7.62 -15.32 -18.65
N ASN B 43 -7.86 -16.11 -19.69
CA ASN B 43 -7.60 -17.55 -19.61
C ASN B 43 -6.11 -17.83 -19.50
N LEU B 44 -5.28 -17.06 -20.20
CA LEU B 44 -3.85 -17.19 -20.04
C LEU B 44 -3.40 -16.74 -18.66
N LEU B 45 -4.04 -15.70 -18.12
CA LEU B 45 -3.72 -15.25 -16.77
C LEU B 45 -4.15 -16.27 -15.74
N GLN B 46 -5.30 -16.91 -15.94
CA GLN B 46 -5.76 -17.95 -15.03
C GLN B 46 -4.93 -19.23 -15.19
N ASP B 47 -4.57 -19.57 -16.43
CA ASP B 47 -3.75 -20.76 -16.65
C ASP B 47 -2.39 -20.62 -15.99
N MET B 48 -1.71 -19.48 -16.23
CA MET B 48 -0.42 -19.24 -15.59
C MET B 48 -0.58 -19.13 -14.08
N GLY B 49 -1.63 -18.45 -13.62
CA GLY B 49 -1.83 -18.31 -12.19
C GLY B 49 -2.10 -19.62 -11.48
N GLN B 50 -2.83 -20.52 -12.14
CA GLN B 50 -3.04 -21.85 -11.58
C GLN B 50 -1.74 -22.65 -11.55
N ARG B 51 -0.83 -22.40 -12.51
CA ARG B 51 0.45 -23.08 -12.52
C ARG B 51 1.44 -22.45 -11.54
N LEU B 52 1.45 -21.13 -11.45
CA LEU B 52 2.36 -20.43 -10.55
C LEU B 52 1.90 -20.46 -9.10
N ASN B 53 0.75 -21.07 -8.81
CA ASN B 53 0.26 -21.25 -7.44
C ASN B 53 0.07 -19.91 -6.73
N VAL B 54 -0.63 -19.00 -7.38
CA VAL B 54 -1.01 -17.73 -6.77
C VAL B 54 -2.50 -17.78 -6.49
N SER B 55 -2.93 -16.96 -5.53
CA SER B 55 -4.34 -16.92 -5.15
C SER B 55 -5.19 -16.36 -6.28
N GLN B 56 -6.50 -16.60 -6.18
CA GLN B 56 -7.43 -16.06 -7.16
C GLN B 56 -7.43 -14.54 -7.15
N LEU B 57 -7.13 -13.94 -5.99
CA LEU B 57 -7.05 -12.49 -5.90
C LEU B 57 -5.96 -11.93 -6.81
N THR B 58 -4.80 -12.57 -6.82
CA THR B 58 -3.69 -12.11 -7.65
C THR B 58 -4.06 -12.15 -9.13
N ILE B 59 -4.66 -13.25 -9.57
CA ILE B 59 -5.07 -13.38 -10.97
C ILE B 59 -6.08 -12.30 -11.33
N ASN B 60 -7.09 -12.13 -10.46
CA ASN B 60 -8.14 -11.14 -10.72
C ASN B 60 -7.55 -9.73 -10.80
N THR B 61 -6.51 -9.44 -10.01
CA THR B 61 -5.87 -8.14 -10.11
C THR B 61 -5.14 -7.98 -11.45
N ALA B 62 -4.46 -9.03 -11.90
CA ALA B 62 -3.80 -8.98 -13.20
C ALA B 62 -4.81 -8.86 -14.34
N ILE B 63 -6.00 -9.45 -14.17
CA ILE B 63 -7.02 -9.33 -15.20
C ILE B 63 -7.56 -7.91 -15.26
N VAL B 64 -7.74 -7.28 -14.11
CA VAL B 64 -8.23 -5.90 -14.08
C VAL B 64 -7.17 -4.96 -14.65
N TYR B 65 -5.90 -5.25 -14.39
CA TYR B 65 -4.83 -4.52 -15.08
C TYR B 65 -4.96 -4.66 -16.59
N MET B 66 -5.14 -5.90 -17.07
CA MET B 66 -5.24 -6.14 -18.50
C MET B 66 -6.46 -5.43 -19.10
N HIS B 67 -7.59 -5.44 -18.40
CA HIS B 67 -8.79 -4.79 -18.91
C HIS B 67 -8.58 -3.28 -19.03
N ARG B 68 -7.90 -2.68 -18.05
CA ARG B 68 -7.61 -1.26 -18.11
C ARG B 68 -6.47 -0.94 -19.07
N PHE B 69 -5.51 -1.87 -19.22
CA PHE B 69 -4.36 -1.63 -20.07
C PHE B 69 -4.78 -1.43 -21.53
N TYR B 70 -5.76 -2.18 -21.99
CA TYR B 70 -6.22 -2.11 -23.37
C TYR B 70 -7.29 -1.04 -23.57
N MET B 71 -7.69 -0.33 -22.51
CA MET B 71 -8.45 0.89 -22.68
C MET B 71 -7.58 2.05 -23.11
N ILE B 72 -6.26 1.92 -22.96
CA ILE B 72 -5.30 2.92 -23.42
C ILE B 72 -4.53 2.41 -24.63
N GLN B 73 -4.07 1.17 -24.57
CA GLN B 73 -3.30 0.56 -25.66
C GLN B 73 -4.20 -0.30 -26.53
N SER B 74 -3.65 -0.71 -27.67
CA SER B 74 -4.37 -1.52 -28.64
C SER B 74 -3.81 -2.94 -28.66
N PHE B 75 -4.70 -3.90 -28.91
CA PHE B 75 -4.29 -5.30 -29.02
C PHE B 75 -3.36 -5.53 -30.20
N THR B 76 -3.39 -4.66 -31.21
CA THR B 76 -2.52 -4.83 -32.37
C THR B 76 -1.08 -4.51 -32.01
N ARG B 77 -0.84 -3.44 -31.25
CA ARG B 77 0.52 -3.09 -30.87
C ARG B 77 1.02 -3.94 -29.71
N PHE B 78 0.13 -4.33 -28.80
CA PHE B 78 0.48 -5.19 -27.67
C PHE B 78 -0.35 -6.45 -27.70
N PRO B 79 0.22 -7.62 -27.99
CA PRO B 79 -0.58 -8.85 -28.01
C PRO B 79 -0.93 -9.30 -26.61
N GLY B 80 -2.02 -10.06 -26.51
CA GLY B 80 -2.44 -10.58 -25.23
C GLY B 80 -1.50 -11.61 -24.65
N ASN B 81 -0.77 -12.32 -25.51
CA ASN B 81 0.17 -13.32 -25.04
C ASN B 81 1.43 -12.70 -24.43
N SER B 82 1.67 -11.42 -24.70
CA SER B 82 2.84 -10.72 -24.17
C SER B 82 2.52 -9.91 -22.92
N VAL B 83 1.38 -9.22 -22.90
CA VAL B 83 1.07 -8.34 -21.78
C VAL B 83 0.71 -9.14 -20.54
N ALA B 84 -0.03 -10.25 -20.72
CA ALA B 84 -0.52 -11.02 -19.58
C ALA B 84 0.60 -11.56 -18.69
N PRO B 85 1.66 -12.20 -19.22
CA PRO B 85 2.73 -12.66 -18.32
C PRO B 85 3.44 -11.52 -17.60
N ALA B 86 3.47 -10.33 -18.19
CA ALA B 86 4.04 -9.17 -17.50
C ALA B 86 3.04 -8.56 -16.51
N ALA B 87 1.75 -8.59 -16.85
CA ALA B 87 0.74 -8.09 -15.93
C ALA B 87 0.58 -9.01 -14.72
N LEU B 88 0.73 -10.33 -14.92
CA LEU B 88 0.66 -11.26 -13.79
C LEU B 88 1.89 -11.14 -12.90
N PHE B 89 3.05 -10.90 -13.50
CA PHE B 89 4.27 -10.71 -12.70
C PHE B 89 4.16 -9.47 -11.84
N LEU B 90 3.50 -8.43 -12.35
CA LEU B 90 3.32 -7.21 -11.57
C LEU B 90 2.28 -7.40 -10.47
N ALA B 91 1.14 -7.99 -10.81
CA ALA B 91 0.09 -8.19 -9.82
C ALA B 91 0.53 -9.12 -8.70
N ALA B 92 1.38 -10.10 -9.02
CA ALA B 92 1.89 -11.00 -7.98
C ALA B 92 2.73 -10.24 -6.97
N LYS B 93 3.58 -9.33 -7.44
CA LYS B 93 4.42 -8.56 -6.53
C LYS B 93 3.59 -7.60 -5.69
N VAL B 94 2.52 -7.05 -6.26
CA VAL B 94 1.71 -6.09 -5.52
C VAL B 94 0.84 -6.80 -4.49
N GLU B 95 0.28 -7.96 -4.86
CA GLU B 95 -0.68 -8.66 -4.01
C GLU B 95 -0.01 -9.59 -3.00
N GLY B 96 1.25 -9.32 -2.63
CA GLY B 96 1.89 -10.05 -1.57
C GLY B 96 2.29 -11.47 -1.90
N GLN B 97 2.20 -11.88 -3.17
CA GLN B 97 2.65 -13.21 -3.61
C GLN B 97 3.64 -13.08 -4.75
N PRO B 98 4.82 -12.48 -4.50
CA PRO B 98 5.75 -12.22 -5.61
C PRO B 98 6.29 -13.52 -6.18
N LYS B 99 6.23 -13.62 -7.51
CA LYS B 99 6.82 -14.75 -8.23
C LYS B 99 8.09 -14.30 -8.91
N LYS B 100 9.09 -15.16 -8.91
CA LYS B 100 10.40 -14.79 -9.45
C LYS B 100 10.32 -14.62 -10.96
N LEU B 101 11.12 -13.68 -11.47
CA LEU B 101 11.04 -13.31 -12.88
C LEU B 101 11.33 -14.50 -13.79
N GLU B 102 12.38 -15.27 -13.47
CA GLU B 102 12.71 -16.43 -14.28
C GLU B 102 11.66 -17.54 -14.16
N HIS B 103 10.84 -17.50 -13.11
CA HIS B 103 9.78 -18.48 -12.95
C HIS B 103 8.56 -18.14 -13.81
N VAL B 104 8.24 -16.85 -13.92
CA VAL B 104 7.08 -16.44 -14.72
C VAL B 104 7.30 -16.79 -16.19
N ILE B 105 8.50 -16.50 -16.71
CA ILE B 105 8.81 -16.83 -18.10
C ILE B 105 8.83 -18.33 -18.29
N LYS B 106 9.26 -19.08 -17.28
CA LYS B 106 9.24 -20.55 -17.37
C LYS B 106 7.82 -21.07 -17.58
N VAL B 107 6.88 -20.58 -16.78
CA VAL B 107 5.49 -21.05 -16.87
C VAL B 107 4.82 -20.47 -18.12
N ALA B 108 5.07 -19.20 -18.42
CA ALA B 108 4.47 -18.58 -19.59
C ALA B 108 4.92 -19.23 -20.89
N HIS B 109 6.07 -19.91 -20.88
CA HIS B 109 6.55 -20.58 -22.09
C HIS B 109 5.72 -21.82 -22.39
N THR B 110 5.66 -22.75 -21.43
CA THR B 110 4.90 -23.99 -21.64
C THR B 110 3.41 -23.73 -21.77
N CYS B 111 2.91 -22.59 -21.29
CA CYS B 111 1.52 -22.24 -21.49
C CYS B 111 1.27 -21.85 -22.95
N LEU B 112 2.15 -21.04 -23.52
CA LEU B 112 2.00 -20.60 -24.90
C LEU B 112 2.62 -21.57 -25.90
N HIS B 113 3.71 -22.24 -25.53
CA HIS B 113 4.41 -23.18 -26.41
C HIS B 113 4.61 -24.48 -25.64
N PRO B 114 3.58 -25.33 -25.59
CA PRO B 114 3.75 -26.62 -24.90
C PRO B 114 4.73 -27.55 -25.60
N GLN B 115 4.89 -27.42 -26.91
CA GLN B 115 5.79 -28.29 -27.66
C GLN B 115 7.21 -27.76 -27.74
N GLU B 116 7.38 -26.44 -27.79
CA GLU B 116 8.71 -25.87 -27.86
C GLU B 116 9.46 -26.08 -26.55
N SER B 117 10.79 -26.12 -26.64
CA SER B 117 11.64 -26.23 -25.47
C SER B 117 12.13 -24.86 -25.06
N LEU B 118 12.24 -24.64 -23.75
CA LEU B 118 12.70 -23.36 -23.24
C LEU B 118 14.16 -23.15 -23.64
N PRO B 119 14.50 -22.01 -24.23
CA PRO B 119 15.90 -21.76 -24.63
C PRO B 119 16.84 -21.75 -23.43
N ASP B 120 18.13 -21.80 -23.73
CA ASP B 120 19.15 -21.76 -22.68
C ASP B 120 19.05 -20.46 -21.90
N THR B 121 19.20 -20.57 -20.58
CA THR B 121 19.10 -19.39 -19.72
C THR B 121 20.19 -18.36 -20.02
N ARG B 122 21.30 -18.79 -20.62
CA ARG B 122 22.38 -17.89 -20.99
C ARG B 122 22.39 -17.57 -22.48
N SER B 123 21.32 -17.92 -23.19
CA SER B 123 21.23 -17.65 -24.62
C SER B 123 20.87 -16.18 -24.87
N GLU B 124 21.00 -15.75 -26.12
CA GLU B 124 20.70 -14.38 -26.48
C GLU B 124 19.20 -14.13 -26.54
N ALA B 125 18.43 -15.13 -27.00
CA ALA B 125 16.98 -14.95 -27.11
C ALA B 125 16.31 -14.95 -25.75
N TYR B 126 16.79 -15.77 -24.82
CA TYR B 126 16.21 -15.83 -23.49
C TYR B 126 16.45 -14.52 -22.73
N LEU B 127 17.65 -13.94 -22.87
CA LEU B 127 17.93 -12.68 -22.20
C LEU B 127 17.10 -11.54 -22.77
N GLN B 128 16.61 -11.66 -23.99
CA GLN B 128 15.80 -10.60 -24.59
C GLN B 128 14.39 -10.60 -24.02
N GLN B 129 13.76 -11.77 -23.92
CA GLN B 129 12.41 -11.84 -23.38
C GLN B 129 12.39 -11.53 -21.88
N VAL B 130 13.50 -11.79 -21.19
CA VAL B 130 13.63 -11.31 -19.81
C VAL B 130 13.61 -9.79 -19.78
N GLN B 131 14.30 -9.15 -20.72
CA GLN B 131 14.22 -7.70 -20.86
C GLN B 131 12.85 -7.28 -21.36
N ASP B 132 12.24 -8.08 -22.23
CA ASP B 132 10.95 -7.71 -22.81
C ASP B 132 9.85 -7.71 -21.76
N LEU B 133 9.88 -8.67 -20.83
CA LEU B 133 8.89 -8.70 -19.77
C LEU B 133 9.05 -7.50 -18.83
N VAL B 134 10.29 -7.19 -18.45
CA VAL B 134 10.53 -6.03 -17.59
C VAL B 134 10.12 -4.75 -18.31
N ILE B 135 10.45 -4.65 -19.60
CA ILE B 135 10.02 -3.51 -20.41
C ILE B 135 8.49 -3.45 -20.44
N LEU B 136 7.85 -4.60 -20.58
CA LEU B 136 6.39 -4.62 -20.68
C LEU B 136 5.75 -4.32 -19.33
N GLU B 137 6.35 -4.80 -18.24
CA GLU B 137 5.85 -4.46 -16.91
C GLU B 137 5.94 -2.95 -16.67
N SER B 138 7.06 -2.34 -17.07
CA SER B 138 7.22 -0.90 -16.91
C SER B 138 6.17 -0.14 -17.71
N ILE B 139 5.84 -0.62 -18.92
CA ILE B 139 4.82 0.04 -19.72
C ILE B 139 3.43 -0.14 -19.10
N ILE B 140 3.18 -1.30 -18.49
CA ILE B 140 1.91 -1.51 -17.79
C ILE B 140 1.75 -0.51 -16.64
N LEU B 141 2.81 -0.37 -15.83
CA LEU B 141 2.78 0.61 -14.75
C LEU B 141 2.53 2.02 -15.28
N GLN B 142 3.22 2.38 -16.36
CA GLN B 142 3.05 3.71 -16.94
C GLN B 142 1.66 3.87 -17.55
N THR B 143 1.13 2.81 -18.18
CA THR B 143 -0.19 2.88 -18.77
C THR B 143 -1.26 3.09 -17.70
N LEU B 144 -1.13 2.39 -16.56
CA LEU B 144 -2.11 2.49 -15.49
C LEU B 144 -1.90 3.70 -14.60
N GLY B 145 -0.88 4.51 -14.86
CA GLY B 145 -0.59 5.65 -13.99
C GLY B 145 -0.17 5.25 -12.60
N PHE B 146 0.38 4.03 -12.45
CA PHE B 146 0.79 3.49 -11.15
C PHE B 146 -0.38 3.42 -10.17
N GLU B 147 -1.60 3.30 -10.69
CA GLU B 147 -2.78 3.01 -9.87
C GLU B 147 -2.92 1.50 -9.82
N LEU B 148 -2.49 0.90 -8.71
CA LEU B 148 -2.38 -0.55 -8.61
C LEU B 148 -3.35 -1.17 -7.62
N THR B 149 -4.03 -0.38 -6.79
CA THR B 149 -5.01 -0.91 -5.86
C THR B 149 -6.32 -1.20 -6.59
N ILE B 150 -6.79 -2.44 -6.48
CA ILE B 150 -7.98 -2.89 -7.19
C ILE B 150 -8.99 -3.39 -6.17
N ASP B 151 -10.24 -2.96 -6.32
CA ASP B 151 -11.34 -3.45 -5.49
C ASP B 151 -12.09 -4.52 -6.28
N HIS B 152 -12.19 -5.72 -5.70
CA HIS B 152 -12.80 -6.83 -6.41
C HIS B 152 -14.18 -7.14 -5.86
N PRO B 153 -15.09 -7.65 -6.69
CA PRO B 153 -16.45 -7.97 -6.20
C PRO B 153 -16.46 -9.07 -5.16
N HIS B 154 -15.40 -9.88 -5.06
CA HIS B 154 -15.38 -10.96 -4.08
C HIS B 154 -15.43 -10.40 -2.65
N THR B 155 -14.89 -9.21 -2.43
CA THR B 155 -14.98 -8.59 -1.11
C THR B 155 -16.42 -8.20 -0.78
N HIS B 156 -17.20 -7.81 -1.79
CA HIS B 156 -18.58 -7.41 -1.57
C HIS B 156 -19.57 -8.56 -1.67
N VAL B 157 -19.17 -9.68 -2.29
CA VAL B 157 -20.06 -10.82 -2.39
C VAL B 157 -20.23 -11.49 -1.02
N VAL B 158 -19.12 -11.77 -0.35
CA VAL B 158 -19.18 -12.40 0.97
C VAL B 158 -19.94 -11.52 1.95
N LYS B 159 -19.73 -10.20 1.86
CA LYS B 159 -20.44 -9.28 2.75
C LYS B 159 -21.93 -9.19 2.45
N CYS B 160 -22.35 -9.65 1.26
CA CYS B 160 -23.76 -9.57 0.89
C CYS B 160 -24.48 -10.91 1.01
N THR B 161 -23.81 -12.02 0.71
CA THR B 161 -24.43 -13.33 0.93
C THR B 161 -24.59 -13.66 2.40
N GLN B 162 -23.78 -13.05 3.27
CA GLN B 162 -23.92 -13.29 4.70
C GLN B 162 -25.21 -12.71 5.24
N LEU B 163 -25.64 -11.56 4.70
CA LEU B 163 -26.80 -10.85 5.20
C LEU B 163 -28.08 -11.23 4.47
N VAL B 164 -28.03 -12.17 3.52
CA VAL B 164 -29.22 -12.79 2.96
C VAL B 164 -29.39 -14.22 3.44
N ARG B 165 -28.49 -14.71 4.28
CA ARG B 165 -28.56 -16.07 4.84
C ARG B 165 -28.60 -17.12 3.74
N ALA B 166 -27.80 -16.91 2.70
CA ALA B 166 -27.66 -17.90 1.64
C ALA B 166 -26.77 -19.04 2.10
N SER B 167 -27.05 -20.23 1.60
CA SER B 167 -26.31 -21.42 2.00
C SER B 167 -24.89 -21.37 1.42
N LYS B 168 -24.10 -22.40 1.79
CA LYS B 168 -22.76 -22.53 1.22
C LYS B 168 -22.82 -22.64 -0.30
N ASP B 169 -23.83 -23.36 -0.81
CA ASP B 169 -23.93 -23.57 -2.26
C ASP B 169 -24.16 -22.25 -3.00
N LEU B 170 -25.15 -21.47 -2.56
CA LEU B 170 -25.47 -20.24 -3.28
C LEU B 170 -24.36 -19.20 -3.14
N ALA B 171 -23.68 -19.17 -2.00
CA ALA B 171 -22.55 -18.26 -1.84
C ALA B 171 -21.39 -18.66 -2.75
N GLN B 172 -21.19 -19.96 -2.96
CA GLN B 172 -20.15 -20.40 -3.88
C GLN B 172 -20.50 -20.05 -5.32
N THR B 173 -21.78 -20.16 -5.68
CA THR B 173 -22.20 -19.80 -7.04
C THR B 173 -22.04 -18.30 -7.29
N SER B 174 -22.36 -17.48 -6.30
CA SER B 174 -22.13 -16.04 -6.43
C SER B 174 -20.65 -15.74 -6.57
N TYR B 175 -19.79 -16.51 -5.88
CA TYR B 175 -18.35 -16.37 -6.06
C TYR B 175 -17.94 -16.80 -7.46
N PHE B 176 -18.60 -17.83 -7.99
CA PHE B 176 -18.30 -18.30 -9.34
C PHE B 176 -18.67 -17.24 -10.38
N MET B 177 -19.82 -16.58 -10.19
CA MET B 177 -20.22 -15.53 -11.11
C MET B 177 -19.24 -14.36 -11.11
N ALA B 178 -18.55 -14.14 -9.98
CA ALA B 178 -17.62 -13.04 -9.88
C ALA B 178 -16.33 -13.33 -10.65
N THR B 179 -15.79 -14.54 -10.49
CA THR B 179 -14.55 -14.88 -11.18
C THR B 179 -14.75 -14.87 -12.69
N ASN B 180 -15.92 -15.29 -13.16
CA ASN B 180 -16.19 -15.37 -14.59
C ASN B 180 -16.66 -14.06 -15.19
N SER B 181 -17.18 -13.13 -14.37
CA SER B 181 -17.47 -11.79 -14.86
C SER B 181 -16.18 -11.06 -15.25
N LEU B 182 -15.09 -11.35 -14.54
CA LEU B 182 -13.79 -10.78 -14.90
C LEU B 182 -13.20 -11.45 -16.13
N HIS B 183 -13.60 -12.69 -16.42
CA HIS B 183 -13.09 -13.42 -17.57
C HIS B 183 -13.88 -13.12 -18.85
N LEU B 184 -15.19 -12.93 -18.73
CA LEU B 184 -16.07 -12.94 -19.88
C LEU B 184 -16.71 -11.59 -20.22
N THR B 185 -16.75 -10.66 -19.27
CA THR B 185 -17.42 -9.38 -19.49
C THR B 185 -16.47 -8.22 -19.17
N THR B 186 -16.83 -7.05 -19.69
CA THR B 186 -16.19 -5.79 -19.33
C THR B 186 -16.95 -5.05 -18.23
N PHE B 187 -17.63 -5.80 -17.35
CA PHE B 187 -18.32 -5.18 -16.23
C PHE B 187 -17.36 -4.44 -15.33
N SER B 188 -16.13 -4.96 -15.18
CA SER B 188 -15.12 -4.31 -14.36
C SER B 188 -14.67 -2.97 -14.92
N LEU B 189 -15.04 -2.65 -16.15
CA LEU B 189 -14.69 -1.38 -16.78
C LEU B 189 -15.85 -0.40 -16.83
N GLN B 190 -17.02 -0.77 -16.31
CA GLN B 190 -18.18 0.11 -16.35
C GLN B 190 -18.88 0.23 -15.00
N TYR B 191 -19.00 -0.86 -14.24
CA TYR B 191 -19.78 -0.87 -13.02
C TYR B 191 -18.88 -1.14 -11.81
N THR B 192 -19.25 -0.52 -10.69
CA THR B 192 -18.46 -0.61 -9.48
C THR B 192 -18.49 -2.03 -8.92
N PRO B 193 -17.51 -2.39 -8.09
CA PRO B 193 -17.50 -3.72 -7.47
C PRO B 193 -18.76 -4.01 -6.66
N PRO B 194 -19.32 -3.05 -5.92
CA PRO B 194 -20.61 -3.34 -5.27
C PRO B 194 -21.75 -3.59 -6.25
N VAL B 195 -21.71 -2.98 -7.43
CA VAL B 195 -22.76 -3.22 -8.41
C VAL B 195 -22.58 -4.56 -9.09
N VAL B 196 -21.33 -4.91 -9.45
CA VAL B 196 -21.07 -6.21 -10.08
C VAL B 196 -21.41 -7.34 -9.12
N ALA B 197 -21.09 -7.16 -7.83
CA ALA B 197 -21.42 -8.17 -6.83
C ALA B 197 -22.92 -8.39 -6.73
N CYS B 198 -23.72 -7.33 -6.92
CA CYS B 198 -25.17 -7.48 -6.95
C CYS B 198 -25.61 -8.26 -8.18
N VAL B 199 -24.95 -8.01 -9.33
CA VAL B 199 -25.26 -8.74 -10.55
C VAL B 199 -24.88 -10.20 -10.40
N CYS B 200 -23.78 -10.48 -9.70
CA CYS B 200 -23.33 -11.86 -9.54
C CYS B 200 -24.28 -12.66 -8.65
N ILE B 201 -24.80 -12.02 -7.60
CA ILE B 201 -25.70 -12.71 -6.69
C ILE B 201 -27.09 -12.87 -7.31
N HIS B 202 -27.51 -11.91 -8.13
CA HIS B 202 -28.83 -11.99 -8.75
C HIS B 202 -28.92 -13.17 -9.72
N LEU B 203 -27.92 -13.31 -10.60
CA LEU B 203 -27.93 -14.42 -11.54
C LEU B 203 -27.75 -15.76 -10.84
N ALA B 204 -26.94 -15.78 -9.77
CA ALA B 204 -26.78 -17.01 -8.99
C ALA B 204 -28.08 -17.42 -8.33
N CYS B 205 -28.91 -16.45 -7.93
CA CYS B 205 -30.21 -16.78 -7.36
C CYS B 205 -31.18 -17.26 -8.43
N LYS B 206 -31.19 -16.60 -9.60
CA LYS B 206 -32.01 -17.06 -10.70
C LYS B 206 -31.62 -18.46 -11.16
N TRP B 207 -30.33 -18.81 -11.02
CA TRP B 207 -29.86 -20.12 -11.45
C TRP B 207 -30.29 -21.21 -10.50
N SER B 208 -30.26 -20.94 -9.19
CA SER B 208 -30.51 -21.94 -8.17
C SER B 208 -31.94 -21.92 -7.64
N ASN B 209 -32.84 -21.17 -8.28
CA ASN B 209 -34.23 -21.04 -7.85
C ASN B 209 -34.33 -20.52 -6.41
N TRP B 210 -33.34 -19.75 -5.98
CA TRP B 210 -33.36 -19.11 -4.67
C TRP B 210 -33.91 -17.70 -4.83
N GLU B 211 -34.86 -17.33 -3.98
CA GLU B 211 -35.54 -16.05 -4.06
C GLU B 211 -35.53 -15.40 -2.69
N ILE B 212 -34.71 -14.36 -2.53
CA ILE B 212 -34.64 -13.61 -1.28
C ILE B 212 -35.87 -12.71 -1.19
N PRO B 213 -36.75 -12.91 -0.21
CA PRO B 213 -37.93 -12.07 -0.10
C PRO B 213 -37.58 -10.66 0.37
N VAL B 214 -38.53 -9.75 0.16
CA VAL B 214 -38.31 -8.36 0.54
C VAL B 214 -38.29 -8.24 2.06
N SER B 215 -37.45 -7.35 2.56
CA SER B 215 -37.31 -7.17 4.00
C SER B 215 -38.55 -6.48 4.57
N THR B 216 -38.57 -6.31 5.89
CA THR B 216 -39.73 -5.75 6.57
C THR B 216 -39.98 -4.29 6.21
N ASP B 217 -38.96 -3.57 5.74
CA ASP B 217 -39.09 -2.17 5.38
C ASP B 217 -39.53 -1.97 3.93
N GLY B 218 -40.00 -3.02 3.27
CA GLY B 218 -40.31 -2.91 1.85
C GLY B 218 -39.12 -2.65 0.98
N LYS B 219 -37.91 -2.93 1.47
CA LYS B 219 -36.67 -2.64 0.78
C LYS B 219 -36.08 -3.94 0.23
N HIS B 220 -35.64 -3.90 -1.02
CA HIS B 220 -34.98 -5.05 -1.61
C HIS B 220 -33.58 -5.23 -1.03
N TRP B 221 -33.01 -6.41 -1.25
CA TRP B 221 -31.71 -6.72 -0.67
C TRP B 221 -30.59 -5.91 -1.33
N TRP B 222 -30.75 -5.57 -2.60
CA TRP B 222 -29.69 -4.84 -3.30
C TRP B 222 -29.64 -3.37 -2.89
N GLU B 223 -30.69 -2.84 -2.28
CA GLU B 223 -30.65 -1.46 -1.80
C GLU B 223 -29.71 -1.31 -0.61
N TYR B 224 -29.52 -2.37 0.17
CA TYR B 224 -28.65 -2.33 1.33
C TYR B 224 -27.17 -2.41 0.97
N VAL B 225 -26.85 -2.70 -0.29
CA VAL B 225 -25.47 -2.79 -0.75
C VAL B 225 -25.07 -1.56 -1.56
N ASP B 226 -25.93 -1.14 -2.48
CA ASP B 226 -25.67 0.04 -3.30
C ASP B 226 -26.99 0.67 -3.68
N ALA B 227 -27.14 1.97 -3.39
CA ALA B 227 -28.40 2.65 -3.65
C ALA B 227 -28.66 2.82 -5.15
N THR B 228 -27.60 2.86 -5.96
CA THR B 228 -27.73 3.06 -7.40
C THR B 228 -28.18 1.81 -8.14
N VAL B 229 -28.40 0.70 -7.44
CA VAL B 229 -28.74 -0.57 -8.07
C VAL B 229 -30.25 -0.68 -8.17
N THR B 230 -30.74 -0.96 -9.38
CA THR B 230 -32.16 -1.14 -9.64
C THR B 230 -32.39 -2.51 -10.25
N LEU B 231 -33.65 -2.98 -10.16
CA LEU B 231 -34.00 -4.25 -10.79
C LEU B 231 -33.96 -4.16 -12.30
N GLU B 232 -34.23 -2.97 -12.86
CA GLU B 232 -34.06 -2.76 -14.29
C GLU B 232 -32.62 -2.96 -14.71
N LEU B 233 -31.67 -2.63 -13.83
CA LEU B 233 -30.26 -2.82 -14.12
C LEU B 233 -29.81 -4.25 -13.87
N LEU B 234 -30.32 -4.89 -12.80
CA LEU B 234 -29.89 -6.23 -12.44
C LEU B 234 -30.26 -7.23 -13.53
N ASP B 235 -31.51 -7.22 -13.99
CA ASP B 235 -31.91 -8.12 -15.06
C ASP B 235 -31.19 -7.81 -16.36
N GLU B 236 -30.86 -6.53 -16.60
CA GLU B 236 -30.14 -6.15 -17.81
C GLU B 236 -28.72 -6.73 -17.82
N LEU B 237 -28.04 -6.70 -16.68
CA LEU B 237 -26.65 -7.15 -16.63
C LEU B 237 -26.55 -8.65 -16.44
N THR B 238 -27.43 -9.25 -15.63
CA THR B 238 -27.45 -10.71 -15.52
C THR B 238 -27.82 -11.36 -16.84
N HIS B 239 -28.51 -10.65 -17.73
CA HIS B 239 -28.79 -11.18 -19.06
C HIS B 239 -27.54 -11.14 -19.93
N GLU B 240 -26.77 -10.05 -19.84
CA GLU B 240 -25.52 -9.98 -20.60
C GLU B 240 -24.51 -11.00 -20.11
N LEU B 241 -24.40 -11.17 -18.78
CA LEU B 241 -23.46 -12.13 -18.23
C LEU B 241 -23.88 -13.56 -18.56
N LEU B 242 -25.18 -13.84 -18.56
CA LEU B 242 -25.65 -15.19 -18.80
C LEU B 242 -25.45 -15.60 -20.26
N GLN B 243 -25.66 -14.66 -21.19
CA GLN B 243 -25.47 -14.98 -22.61
C GLN B 243 -24.05 -15.46 -22.88
N ILE B 244 -23.05 -14.68 -22.47
CA ILE B 244 -21.66 -15.05 -22.72
C ILE B 244 -21.24 -16.25 -21.86
N LEU B 245 -21.94 -16.49 -20.74
CA LEU B 245 -21.71 -17.72 -20.00
C LEU B 245 -22.23 -18.93 -20.77
N GLU B 246 -23.36 -18.77 -21.45
CA GLU B 246 -23.90 -19.84 -22.28
C GLU B 246 -23.03 -20.11 -23.50
N LYS B 247 -22.19 -19.15 -23.91
CA LYS B 247 -21.28 -19.35 -25.02
C LYS B 247 -20.01 -20.08 -24.60
N THR B 248 -19.65 -20.05 -23.32
CA THR B 248 -18.40 -20.63 -22.86
C THR B 248 -18.58 -22.13 -22.61
N PRO B 249 -17.77 -22.99 -23.23
CA PRO B 249 -17.94 -24.44 -23.03
C PRO B 249 -17.57 -24.85 -21.61
N ASN B 250 -18.33 -25.82 -21.09
CA ASN B 250 -18.05 -26.47 -19.81
C ASN B 250 -18.09 -25.51 -18.63
N ARG B 251 -18.44 -24.24 -18.87
CA ARG B 251 -18.48 -23.26 -17.79
C ARG B 251 -19.75 -23.42 -16.96
N LEU B 252 -20.90 -23.55 -17.62
CA LEU B 252 -22.16 -23.71 -16.91
C LEU B 252 -22.30 -25.10 -16.31
N LYS B 253 -21.56 -26.08 -16.82
CA LYS B 253 -21.61 -27.43 -16.27
C LYS B 253 -21.08 -27.47 -14.85
N ARG B 254 -20.16 -26.56 -14.51
CA ARG B 254 -19.55 -26.55 -13.19
C ARG B 254 -20.52 -26.10 -12.10
N ILE B 255 -21.59 -25.40 -12.46
CA ILE B 255 -22.58 -24.92 -11.51
C ILE B 255 -23.97 -25.49 -11.78
N TRP B 256 -24.07 -26.47 -12.67
CA TRP B 256 -25.36 -27.06 -13.03
C TRP B 256 -25.71 -28.18 -12.05
N ASN B 257 -26.99 -28.30 -11.74
CA ASN B 257 -27.49 -29.29 -10.79
C ASN B 257 -27.81 -30.58 -11.56
N TRP B 258 -26.98 -31.59 -11.39
CA TRP B 258 -27.20 -32.88 -12.03
C TRP B 258 -28.19 -33.75 -11.26
N ARG B 259 -28.48 -33.42 -10.00
CA ARG B 259 -29.40 -34.20 -9.20
C ARG B 259 -30.85 -33.98 -9.64
N1 NJ6 C . 11.80 18.59 1.66
N3 NJ6 C . 11.66 16.27 1.67
C4 NJ6 C . 14.22 18.04 1.95
C5 NJ6 C . 13.00 18.78 2.47
C6 NJ6 C . 12.76 18.45 3.93
C7 NJ6 C . 11.08 17.46 1.40
C8 NJ6 C . 10.88 15.20 1.38
C10 NJ6 C . 9.09 16.59 0.64
C13 NJ6 C . 12.47 13.36 2.05
C15 NJ6 C . 14.28 13.72 3.55
C17 NJ6 C . 13.70 13.81 1.26
C20 NJ6 C . 11.63 11.37 -0.74
C1 NJ6 C . 13.99 18.84 4.75
C11 NJ6 C . 10.11 13.11 1.14
C12 NJ6 C . 9.10 13.99 0.71
C14 NJ6 C . 12.78 13.80 3.48
C16 NJ6 C . 14.66 14.41 2.28
C18 NJ6 C . 10.06 11.64 1.14
C19 NJ6 C . 10.89 9.41 0.56
C2 NJ6 C . 15.23 18.15 4.23
C3 NJ6 C . 15.46 18.42 2.75
C9 NJ6 C . 9.59 15.30 0.87
N2 NJ6 C . 16.44 18.61 5.02
N4 NJ6 C . 9.84 17.65 0.92
N5 NJ6 C . 11.20 13.87 1.53
N6 NJ6 C . 10.83 10.86 0.37
O1 NJ6 C . 9.24 11.12 1.89
#